data_2BCS
#
_entry.id   2BCS
#
_cell.length_a   55.968
_cell.length_b   62.542
_cell.length_c   140.817
_cell.angle_alpha   90.00
_cell.angle_beta   90.00
_cell.angle_gamma   90.00
#
_symmetry.space_group_name_H-M   'P 21 21 21'
#
loop_
_entity.id
_entity.type
_entity.pdbx_description
1 polymer "5'-D(*GP*CP*CP*G)-3'"
2 polymer "5'-D(*CP*AP*GP*TP*AP*CP*G)-3'"
3 polymer "5'-D(*CP*GP*GP*CP*CP*GP*CP*TP*AP*CP*TP*G)-3'"
4 polymer 'DNA polymerase lambda'
5 non-polymer 'MAGNESIUM ION'
6 non-polymer 'SODIUM ION'
7 non-polymer PYROPHOSPHATE
8 water water
#
loop_
_entity_poly.entity_id
_entity_poly.type
_entity_poly.pdbx_seq_one_letter_code
_entity_poly.pdbx_strand_id
1 'polydeoxyribonucleotide' (DG)(DC)(DC)(DG) D
2 'polydeoxyribonucleotide' (DC)(DA)(DG)(DT)(DA)(DC)(DG) P
3 'polydeoxyribonucleotide' (DC)(DG)(DG)(DC)(DC)(DG)(DC)(DT)(DA)(DC)(DT)(DG) T
4 'polypeptide(L)'
;MAQPSSQKATNHNLHITEKLEVLAKAYSVQGDKWRALGYAKAINALKSFHKPVTSYQEACSIPGIGKRMAEKIIEILESG
HLRKLDHISESVPVLELFSNIWGAGTKTAQMWYQQGFRSLEDIRSQASLTTQQAIGLKHYSDFLERMPREEATEIEQTVQ
KAAQAFNSGLLCVACGSYRRGKATCGDVDVLITHPDGRSHRGIFSRLLDSLRQEGFLTDDLVSQEENGQQQKYLGVCRLP
GPGRRHRRLDIIVVPYSEFACALLYFTGSAHFNRSMRALAKTKGMSLSEHALSTAVVRNTHGCKVGPGRVLPTPTEKDVF
RLLGLPYREPAERDW
;
A
#
# COMPACT_ATOMS: atom_id res chain seq x y z
N HIS D 12 7.50 -13.59 19.39
N HIS D 12 7.50 -13.56 19.37
CA HIS D 12 6.42 -14.55 19.02
CA HIS D 12 6.41 -14.54 19.00
C HIS D 12 7.05 -15.76 18.32
C HIS D 12 7.03 -15.77 18.31
N ASN D 13 7.60 -15.53 17.12
CA ASN D 13 8.25 -16.56 16.31
C ASN D 13 9.32 -15.91 15.45
N LEU D 14 9.74 -14.72 15.88
CA LEU D 14 10.75 -13.94 15.18
C LEU D 14 11.94 -14.75 14.70
N HIS D 15 12.33 -15.75 15.48
CA HIS D 15 13.47 -16.59 15.13
C HIS D 15 13.26 -17.24 13.77
N ILE D 16 11.99 -17.47 13.42
CA ILE D 16 11.66 -18.10 12.15
C ILE D 16 11.14 -17.15 11.08
N THR D 17 10.29 -16.20 11.48
CA THR D 17 9.74 -15.25 10.53
C THR D 17 10.79 -14.33 9.92
N GLU D 18 11.78 -13.93 10.71
CA GLU D 18 12.83 -13.06 10.22
C GLU D 18 13.60 -13.74 9.10
N LYS D 19 13.71 -15.07 9.17
CA LYS D 19 14.40 -15.81 8.13
C LYS D 19 13.52 -15.95 6.89
N LEU D 20 12.22 -16.11 7.11
CA LEU D 20 11.28 -16.25 6.01
C LEU D 20 11.12 -14.94 5.24
N GLU D 21 11.01 -13.83 5.97
CA GLU D 21 10.86 -12.53 5.34
C GLU D 21 11.98 -12.28 4.36
N VAL D 22 13.18 -12.73 4.70
CA VAL D 22 14.32 -12.58 3.82
C VAL D 22 14.01 -13.33 2.53
N LEU D 23 13.49 -14.54 2.68
CA LEU D 23 13.16 -15.38 1.55
C LEU D 23 11.98 -14.80 0.76
N ALA D 24 10.97 -14.28 1.46
CA ALA D 24 9.81 -13.70 0.78
C ALA D 24 10.23 -12.49 -0.05
N LYS D 25 11.14 -11.69 0.49
CA LYS D 25 11.62 -10.51 -0.20
C LYS D 25 12.44 -10.88 -1.44
N ALA D 26 13.15 -12.00 -1.37
CA ALA D 26 13.97 -12.45 -2.49
C ALA D 26 13.09 -12.82 -3.68
N TYR D 27 12.00 -13.55 -3.41
CA TYR D 27 11.06 -13.96 -4.45
C TYR D 27 10.32 -12.75 -5.03
N SER D 28 9.95 -11.82 -4.17
CA SER D 28 9.25 -10.62 -4.59
C SER D 28 10.09 -9.82 -5.59
N VAL D 29 11.31 -9.47 -5.21
CA VAL D 29 12.17 -8.70 -6.10
C VAL D 29 12.50 -9.43 -7.38
N GLN D 30 12.42 -10.76 -7.36
CA GLN D 30 12.71 -11.53 -8.57
C GLN D 30 11.47 -11.70 -9.44
N GLY D 31 10.34 -11.15 -8.99
CA GLY D 31 9.12 -11.25 -9.77
C GLY D 31 8.26 -12.49 -9.55
N ASP D 32 8.62 -13.30 -8.55
CA ASP D 32 7.82 -14.50 -8.25
C ASP D 32 6.73 -14.07 -7.28
N LYS D 33 5.86 -13.21 -7.79
CA LYS D 33 4.73 -12.60 -7.10
C LYS D 33 3.87 -13.51 -6.23
N TRP D 34 3.42 -14.63 -6.79
CA TRP D 34 2.55 -15.55 -6.06
C TRP D 34 3.25 -16.33 -4.94
N ARG D 35 4.45 -16.80 -5.21
CA ARG D 35 5.20 -17.55 -4.21
C ARG D 35 5.47 -16.59 -3.06
N ALA D 36 5.87 -15.37 -3.40
CA ALA D 36 6.14 -14.34 -2.41
C ALA D 36 4.88 -14.08 -1.58
N LEU D 37 3.73 -14.07 -2.23
CA LEU D 37 2.48 -13.84 -1.53
C LEU D 37 2.28 -15.00 -0.56
N GLY D 38 2.64 -16.20 -0.99
CA GLY D 38 2.52 -17.37 -0.15
C GLY D 38 3.24 -17.15 1.16
N TYR D 39 4.53 -16.81 1.05
CA TYR D 39 5.34 -16.57 2.25
C TYR D 39 4.80 -15.39 3.04
N ALA D 40 4.34 -14.36 2.34
CA ALA D 40 3.80 -13.17 2.99
C ALA D 40 2.62 -13.52 3.90
N LYS D 41 1.88 -14.56 3.54
CA LYS D 41 0.73 -14.97 4.35
C LYS D 41 1.13 -15.92 5.46
N ALA D 42 2.16 -16.74 5.22
CA ALA D 42 2.63 -17.68 6.24
C ALA D 42 3.36 -16.88 7.32
N ILE D 43 4.20 -15.94 6.89
CA ILE D 43 4.95 -15.11 7.81
C ILE D 43 4.00 -14.30 8.67
N ASN D 44 2.89 -13.89 8.06
CA ASN D 44 1.87 -13.10 8.74
C ASN D 44 1.17 -13.93 9.81
N ALA D 45 0.81 -15.16 9.47
CA ALA D 45 0.13 -16.04 10.40
C ALA D 45 0.97 -16.31 11.64
N LEU D 46 2.25 -16.62 11.43
CA LEU D 46 3.16 -16.89 12.53
C LEU D 46 3.26 -15.72 13.50
N LYS D 47 3.66 -14.56 12.97
CA LYS D 47 3.79 -13.35 13.78
C LYS D 47 2.57 -13.07 14.65
N SER D 48 1.43 -13.64 14.28
CA SER D 48 0.20 -13.41 15.03
C SER D 48 -0.26 -14.64 15.83
N PHE D 49 0.56 -15.67 15.87
CA PHE D 49 0.23 -16.88 16.63
C PHE D 49 0.73 -16.70 18.06
N HIS D 50 -0.21 -16.74 19.01
CA HIS D 50 0.10 -16.56 20.43
C HIS D 50 1.41 -17.20 20.89
N LYS D 51 1.48 -18.52 20.83
CA LYS D 51 2.67 -19.24 21.27
C LYS D 51 3.59 -19.64 20.13
N PRO D 52 4.87 -19.85 20.44
CA PRO D 52 5.88 -20.25 19.44
C PRO D 52 5.57 -21.65 18.91
N VAL D 53 6.03 -21.93 17.68
CA VAL D 53 5.81 -23.23 17.06
C VAL D 53 6.90 -24.19 17.53
N THR D 54 6.52 -25.46 17.70
CA THR D 54 7.47 -26.47 18.15
C THR D 54 7.36 -27.78 17.38
N SER D 55 6.18 -28.07 16.84
CA SER D 55 5.96 -29.31 16.10
C SER D 55 5.55 -29.10 14.65
N TYR D 56 5.83 -30.11 13.83
CA TYR D 56 5.48 -30.08 12.42
C TYR D 56 3.97 -29.98 12.27
N GLN D 57 3.25 -30.87 12.96
CA GLN D 57 1.80 -30.88 12.92
C GLN D 57 1.27 -29.54 13.44
N GLU D 58 1.94 -29.00 14.45
CA GLU D 58 1.55 -27.73 15.05
C GLU D 58 1.53 -26.65 13.97
N ALA D 59 2.39 -26.80 12.96
CA ALA D 59 2.46 -25.85 11.87
C ALA D 59 1.28 -26.03 10.93
N CYS D 60 1.32 -27.10 10.14
CA CYS D 60 0.27 -27.41 9.19
C CYS D 60 -1.12 -26.99 9.67
N SER D 61 -1.42 -27.35 10.92
CA SER D 61 -2.71 -27.04 11.52
C SER D 61 -3.08 -25.56 11.37
N ILE D 62 -2.07 -24.72 11.24
CA ILE D 62 -2.29 -23.28 11.10
C ILE D 62 -2.70 -22.89 9.67
N PRO D 63 -3.65 -21.94 9.57
CA PRO D 63 -4.10 -21.48 8.25
C PRO D 63 -2.98 -20.65 7.63
N GLY D 64 -2.75 -20.83 6.33
CA GLY D 64 -1.70 -20.08 5.67
C GLY D 64 -0.39 -20.82 5.69
N ILE D 65 -0.36 -21.97 6.35
CA ILE D 65 0.86 -22.76 6.41
C ILE D 65 0.59 -24.20 5.97
N GLY D 66 1.42 -24.70 5.06
CA GLY D 66 1.25 -26.05 4.56
C GLY D 66 2.48 -26.90 4.77
N LYS D 67 2.45 -28.11 4.23
CA LYS D 67 3.58 -29.03 4.35
C LYS D 67 4.89 -28.37 3.96
N ARG D 68 4.97 -27.90 2.71
CA ARG D 68 6.16 -27.23 2.19
C ARG D 68 6.76 -26.25 3.19
N MET D 69 5.93 -25.34 3.67
CA MET D 69 6.33 -24.32 4.63
C MET D 69 6.67 -24.93 5.98
N ALA D 70 5.76 -25.75 6.51
CA ALA D 70 5.97 -26.40 7.80
C ALA D 70 7.35 -27.05 7.85
N GLU D 71 7.72 -27.71 6.76
CA GLU D 71 9.02 -28.38 6.68
C GLU D 71 10.16 -27.40 6.95
N LYS D 72 10.09 -26.24 6.31
CA LYS D 72 11.12 -25.22 6.47
C LYS D 72 11.11 -24.65 7.88
N ILE D 73 9.91 -24.48 8.45
CA ILE D 73 9.80 -23.96 9.80
C ILE D 73 10.48 -24.91 10.78
N ILE D 74 10.56 -26.18 10.39
CA ILE D 74 11.22 -27.20 11.20
C ILE D 74 12.71 -26.86 11.29
N GLU D 75 13.34 -26.72 10.13
CA GLU D 75 14.76 -26.38 10.05
C GLU D 75 15.16 -25.30 11.04
N ILE D 76 14.63 -24.10 10.82
CA ILE D 76 14.94 -22.97 11.68
C ILE D 76 14.96 -23.33 13.18
N LEU D 77 14.17 -24.33 13.56
CA LEU D 77 14.12 -24.75 14.96
C LEU D 77 15.18 -25.80 15.23
N GLU D 78 15.01 -26.98 14.64
CA GLU D 78 15.95 -28.07 14.81
C GLU D 78 17.31 -27.73 14.18
N SER D 79 17.28 -27.36 12.90
CA SER D 79 18.48 -27.00 12.16
C SER D 79 19.05 -25.64 12.56
N GLY D 80 18.24 -24.85 13.27
CA GLY D 80 18.70 -23.54 13.70
C GLY D 80 18.80 -22.52 12.57
N HIS D 81 18.96 -23.01 11.35
CA HIS D 81 19.07 -22.13 10.19
C HIS D 81 18.56 -22.82 8.93
N LEU D 82 17.94 -22.04 8.04
CA LEU D 82 17.39 -22.57 6.79
C LEU D 82 18.45 -22.59 5.68
N ARG D 83 18.70 -23.78 5.15
CA ARG D 83 19.70 -23.95 4.09
C ARG D 83 19.26 -23.41 2.73
N LYS D 84 18.02 -22.96 2.63
CA LYS D 84 17.53 -22.40 1.37
C LYS D 84 18.08 -20.99 1.24
N LEU D 85 18.36 -20.36 2.38
CA LEU D 85 18.89 -19.01 2.42
C LEU D 85 20.35 -18.94 1.99
N ASP D 86 20.96 -20.11 1.79
CA ASP D 86 22.37 -20.15 1.40
C ASP D 86 22.59 -20.21 -0.11
N HIS D 87 21.51 -20.43 -0.85
CA HIS D 87 21.63 -20.51 -2.30
C HIS D 87 20.86 -19.40 -3.02
N ILE D 88 20.65 -18.28 -2.32
CA ILE D 88 19.95 -17.15 -2.90
C ILE D 88 20.91 -16.38 -3.82
N SER D 89 20.45 -16.09 -5.02
CA SER D 89 21.27 -15.38 -5.99
C SER D 89 21.90 -14.12 -5.39
N GLU D 90 23.15 -13.88 -5.76
CA GLU D 90 23.90 -12.72 -5.28
C GLU D 90 23.25 -11.44 -5.82
N SER D 91 22.36 -11.60 -6.80
CA SER D 91 21.68 -10.46 -7.41
C SER D 91 20.60 -9.82 -6.53
N VAL D 92 19.99 -10.61 -5.66
CA VAL D 92 18.91 -10.12 -4.82
C VAL D 92 19.13 -8.78 -4.10
N PRO D 93 20.24 -8.62 -3.35
CA PRO D 93 20.47 -7.35 -2.66
C PRO D 93 20.47 -6.16 -3.64
N VAL D 94 21.04 -6.37 -4.82
CA VAL D 94 21.07 -5.30 -5.81
C VAL D 94 19.70 -5.05 -6.41
N LEU D 95 18.92 -6.12 -6.61
CA LEU D 95 17.58 -5.98 -7.15
C LEU D 95 16.74 -5.19 -6.16
N GLU D 96 16.88 -5.53 -4.88
CA GLU D 96 16.14 -4.87 -3.81
C GLU D 96 16.54 -3.40 -3.76
N LEU D 97 17.83 -3.14 -3.86
CA LEU D 97 18.34 -1.77 -3.86
C LEU D 97 17.68 -1.00 -5.01
N PHE D 98 17.66 -1.61 -6.19
CA PHE D 98 17.09 -1.00 -7.38
C PHE D 98 15.57 -0.79 -7.32
N SER D 99 14.84 -1.83 -6.93
CA SER D 99 13.39 -1.72 -6.84
C SER D 99 12.92 -0.76 -5.74
N ASN D 100 13.82 -0.39 -4.83
CA ASN D 100 13.44 0.56 -3.79
C ASN D 100 13.41 1.98 -4.35
N ILE D 101 13.70 2.12 -5.64
CA ILE D 101 13.62 3.43 -6.26
C ILE D 101 12.15 3.54 -6.67
N TRP D 102 11.47 4.59 -6.23
CA TRP D 102 10.06 4.78 -6.57
C TRP D 102 9.93 4.89 -8.08
N GLY D 103 9.02 4.09 -8.65
CA GLY D 103 8.83 4.14 -10.10
C GLY D 103 9.51 2.96 -10.79
N ALA D 104 10.38 2.26 -10.06
CA ALA D 104 11.06 1.09 -10.65
C ALA D 104 10.58 -0.18 -9.94
N GLY D 105 10.20 -1.18 -10.72
CA GLY D 105 9.75 -2.44 -10.14
C GLY D 105 10.67 -3.59 -10.47
N THR D 106 10.19 -4.83 -10.28
N THR D 106 10.20 -4.82 -10.27
CA THR D 106 11.03 -6.02 -10.55
CA THR D 106 11.05 -5.97 -10.54
C THR D 106 11.52 -6.04 -11.98
C THR D 106 11.55 -6.01 -11.98
N LYS D 107 10.70 -5.64 -12.94
CA LYS D 107 11.13 -5.66 -14.34
C LYS D 107 12.28 -4.70 -14.65
N THR D 108 12.21 -3.49 -14.11
CA THR D 108 13.26 -2.51 -14.36
C THR D 108 14.52 -2.91 -13.62
N ALA D 109 14.36 -3.42 -12.41
CA ALA D 109 15.50 -3.84 -11.60
C ALA D 109 16.29 -4.95 -12.32
N GLN D 110 15.59 -5.98 -12.80
CA GLN D 110 16.29 -7.07 -13.46
C GLN D 110 16.95 -6.61 -14.77
N MET D 111 16.32 -5.67 -15.46
CA MET D 111 16.89 -5.15 -16.70
C MET D 111 18.19 -4.42 -16.40
N TRP D 112 18.15 -3.56 -15.38
CA TRP D 112 19.33 -2.81 -14.99
C TRP D 112 20.45 -3.75 -14.55
N TYR D 113 20.08 -4.84 -13.89
CA TYR D 113 21.09 -5.79 -13.43
C TYR D 113 21.70 -6.54 -14.61
N GLN D 114 20.85 -6.97 -15.54
CA GLN D 114 21.32 -7.69 -16.71
C GLN D 114 22.26 -6.78 -17.47
N GLN D 115 22.04 -5.47 -17.39
CA GLN D 115 22.87 -4.51 -18.09
C GLN D 115 24.20 -4.24 -17.38
N GLY D 116 24.41 -4.89 -16.24
CA GLY D 116 25.67 -4.72 -15.51
C GLY D 116 25.69 -3.68 -14.40
N PHE D 117 24.55 -3.06 -14.10
CA PHE D 117 24.49 -2.07 -13.05
C PHE D 117 24.49 -2.76 -11.69
N ARG D 118 25.15 -2.16 -10.70
CA ARG D 118 25.25 -2.78 -9.39
C ARG D 118 25.04 -1.83 -8.21
N SER D 119 24.91 -0.54 -8.48
CA SER D 119 24.75 0.43 -7.40
C SER D 119 24.00 1.65 -7.90
N LEU D 120 23.56 2.49 -6.97
CA LEU D 120 22.82 3.70 -7.34
C LEU D 120 23.74 4.61 -8.14
N GLU D 121 25.04 4.52 -7.87
CA GLU D 121 26.00 5.33 -8.60
C GLU D 121 25.92 4.93 -10.09
N ASP D 122 25.86 3.63 -10.36
CA ASP D 122 25.72 3.14 -11.73
C ASP D 122 24.41 3.63 -12.34
N ILE D 123 23.33 3.54 -11.56
CA ILE D 123 22.02 3.98 -12.04
C ILE D 123 22.06 5.47 -12.34
N ARG D 124 22.55 6.24 -11.38
CA ARG D 124 22.62 7.70 -11.52
C ARG D 124 23.37 8.18 -12.76
N SER D 125 24.51 7.56 -13.05
CA SER D 125 25.32 7.98 -14.18
C SER D 125 25.17 7.25 -15.51
N GLN D 126 24.59 6.05 -15.51
CA GLN D 126 24.48 5.30 -16.76
C GLN D 126 23.10 4.81 -17.14
N ALA D 127 22.20 4.74 -16.17
CA ALA D 127 20.87 4.25 -16.47
C ALA D 127 19.94 5.30 -17.05
N SER D 128 19.05 4.85 -17.93
CA SER D 128 18.07 5.76 -18.53
C SER D 128 16.94 5.76 -17.51
N LEU D 129 16.58 6.94 -17.02
CA LEU D 129 15.53 7.00 -16.01
C LEU D 129 14.26 7.72 -16.47
N THR D 130 13.12 7.21 -16.03
CA THR D 130 11.85 7.86 -16.36
C THR D 130 11.78 9.07 -15.43
N THR D 131 10.87 9.99 -15.71
CA THR D 131 10.71 11.17 -14.86
C THR D 131 10.48 10.74 -13.41
N GLN D 132 9.58 9.77 -13.22
CA GLN D 132 9.29 9.29 -11.87
C GLN D 132 10.52 8.71 -11.16
N GLN D 133 11.29 7.87 -11.86
CA GLN D 133 12.46 7.25 -11.27
C GLN D 133 13.53 8.27 -10.90
N ALA D 134 13.65 9.32 -11.70
CA ALA D 134 14.63 10.35 -11.40
C ALA D 134 14.23 10.98 -10.07
N ILE D 135 12.94 11.21 -9.87
CA ILE D 135 12.49 11.80 -8.62
C ILE D 135 12.69 10.81 -7.49
N GLY D 136 12.37 9.54 -7.76
CA GLY D 136 12.55 8.53 -6.75
C GLY D 136 14.00 8.45 -6.29
N LEU D 137 14.93 8.53 -7.23
CA LEU D 137 16.34 8.45 -6.89
C LEU D 137 16.83 9.66 -6.09
N LYS D 138 16.39 10.86 -6.45
CA LYS D 138 16.84 12.05 -5.73
C LYS D 138 16.33 12.09 -4.29
N HIS D 139 15.27 11.34 -4.00
CA HIS D 139 14.71 11.26 -2.65
C HIS D 139 14.81 9.83 -2.13
N TYR D 140 15.80 9.08 -2.62
CA TYR D 140 15.97 7.69 -2.23
C TYR D 140 15.86 7.43 -0.72
N SER D 141 16.73 8.04 0.07
CA SER D 141 16.69 7.84 1.52
C SER D 141 15.37 8.31 2.14
N ASP D 142 14.90 9.49 1.73
CA ASP D 142 13.65 10.02 2.27
C ASP D 142 12.47 9.09 2.04
N PHE D 143 12.38 8.51 0.84
CA PHE D 143 11.28 7.61 0.53
C PHE D 143 11.33 6.29 1.29
N LEU D 144 12.40 6.07 2.05
CA LEU D 144 12.51 4.83 2.83
C LEU D 144 12.22 5.09 4.31
N GLU D 145 12.10 6.36 4.67
CA GLU D 145 11.84 6.71 6.06
C GLU D 145 10.36 6.91 6.36
N ARG D 146 10.03 6.82 7.64
CA ARG D 146 8.66 7.02 8.10
C ARG D 146 8.69 8.32 8.91
N MET D 147 7.53 8.95 9.08
CA MET D 147 7.45 10.20 9.84
C MET D 147 6.59 10.05 11.08
N PRO D 148 6.90 10.82 12.15
CA PRO D 148 6.08 10.70 13.35
C PRO D 148 4.66 11.11 12.93
N ARG D 149 3.64 10.48 13.49
CA ARG D 149 2.29 10.81 13.07
C ARG D 149 1.93 12.28 13.22
N GLU D 150 2.57 12.97 14.16
CA GLU D 150 2.30 14.39 14.38
C GLU D 150 2.57 15.19 13.11
N GLU D 151 3.65 14.82 12.40
CA GLU D 151 4.00 15.51 11.17
C GLU D 151 2.95 15.21 10.09
N ALA D 152 2.48 13.97 10.08
CA ALA D 152 1.44 13.58 9.14
C ALA D 152 0.24 14.51 9.35
N THR D 153 0.02 14.89 10.60
CA THR D 153 -1.08 15.79 10.94
C THR D 153 -0.84 17.15 10.31
N GLU D 154 0.37 17.69 10.46
CA GLU D 154 0.70 18.99 9.89
C GLU D 154 0.48 19.04 8.38
N ILE D 155 0.76 17.92 7.72
CA ILE D 155 0.62 17.82 6.27
C ILE D 155 -0.85 17.77 5.84
N GLU D 156 -1.64 16.96 6.53
CA GLU D 156 -3.06 16.86 6.22
C GLU D 156 -3.68 18.25 6.43
N GLN D 157 -3.31 18.88 7.53
CA GLN D 157 -3.78 20.20 7.87
C GLN D 157 -3.42 21.19 6.76
N THR D 158 -2.20 21.10 6.27
CA THR D 158 -1.76 21.99 5.20
C THR D 158 -2.64 21.80 3.97
N VAL D 159 -2.92 20.54 3.62
CA VAL D 159 -3.74 20.26 2.45
C VAL D 159 -5.18 20.69 2.68
N GLN D 160 -5.72 20.36 3.86
CA GLN D 160 -7.09 20.73 4.19
C GLN D 160 -7.28 22.25 4.15
N LYS D 161 -6.39 22.98 4.80
CA LYS D 161 -6.48 24.43 4.84
C LYS D 161 -6.55 25.01 3.44
N ALA D 162 -5.65 24.57 2.55
CA ALA D 162 -5.62 25.06 1.19
C ALA D 162 -6.89 24.70 0.42
N ALA D 163 -7.45 23.53 0.70
CA ALA D 163 -8.68 23.08 0.03
C ALA D 163 -9.90 23.85 0.53
N GLN D 164 -10.07 23.92 1.85
CA GLN D 164 -11.21 24.63 2.44
C GLN D 164 -11.09 26.12 2.19
N ALA D 165 -9.93 26.56 1.73
CA ALA D 165 -9.71 27.96 1.44
C ALA D 165 -10.61 28.40 0.28
N PHE D 166 -10.81 27.53 -0.70
CA PHE D 166 -11.67 27.90 -1.81
C PHE D 166 -13.03 27.19 -1.78
N ASN D 167 -13.28 26.44 -0.71
CA ASN D 167 -14.55 25.74 -0.54
C ASN D 167 -14.58 25.11 0.85
N SER D 168 -14.99 25.91 1.84
CA SER D 168 -15.06 25.46 3.23
C SER D 168 -15.91 24.22 3.40
N GLY D 169 -16.69 23.90 2.38
CA GLY D 169 -17.54 22.72 2.45
C GLY D 169 -16.75 21.42 2.27
N LEU D 170 -15.59 21.51 1.63
CA LEU D 170 -14.74 20.34 1.38
C LEU D 170 -14.38 19.56 2.63
N LEU D 171 -14.54 18.25 2.54
CA LEU D 171 -14.23 17.34 3.64
C LEU D 171 -12.88 16.68 3.35
N CYS D 172 -11.93 16.85 4.27
CA CYS D 172 -10.59 16.29 4.11
C CYS D 172 -10.26 15.38 5.28
N VAL D 173 -9.74 14.19 4.98
CA VAL D 173 -9.40 13.24 6.03
C VAL D 173 -8.12 12.46 5.71
N ALA D 174 -7.25 12.35 6.71
CA ALA D 174 -6.00 11.61 6.55
C ALA D 174 -6.37 10.14 6.79
N CYS D 175 -5.94 9.27 5.88
CA CYS D 175 -6.28 7.86 6.01
C CYS D 175 -5.06 6.98 6.22
N GLY D 176 -5.05 5.80 5.60
CA GLY D 176 -3.93 4.89 5.75
C GLY D 176 -3.51 4.64 7.18
N SER D 177 -2.24 4.31 7.37
CA SER D 177 -1.66 4.03 8.68
C SER D 177 -2.00 5.08 9.72
N TYR D 178 -2.13 6.33 9.28
CA TYR D 178 -2.46 7.42 10.19
C TYR D 178 -3.81 7.16 10.86
N ARG D 179 -4.84 6.96 10.04
CA ARG D 179 -6.17 6.71 10.57
C ARG D 179 -6.21 5.41 11.36
N ARG D 180 -5.35 4.45 11.02
CA ARG D 180 -5.33 3.19 11.76
C ARG D 180 -4.59 3.40 13.10
N GLY D 181 -4.17 4.64 13.34
CA GLY D 181 -3.51 4.99 14.58
C GLY D 181 -2.07 4.57 14.84
N LYS D 182 -1.30 4.29 13.78
CA LYS D 182 0.09 3.90 13.96
C LYS D 182 0.87 5.12 14.43
N ALA D 183 1.97 4.89 15.13
CA ALA D 183 2.80 5.98 15.64
C ALA D 183 3.58 6.69 14.54
N THR D 184 3.92 5.95 13.49
CA THR D 184 4.66 6.53 12.38
C THR D 184 3.96 6.19 11.08
N CYS D 185 4.14 7.04 10.07
CA CYS D 185 3.50 6.85 8.77
C CYS D 185 4.50 6.96 7.61
N GLY D 186 4.37 6.05 6.63
CA GLY D 186 5.24 6.05 5.48
C GLY D 186 4.98 7.25 4.58
N ASP D 187 3.72 7.63 4.48
CA ASP D 187 3.31 8.78 3.67
C ASP D 187 2.01 9.32 4.25
N VAL D 188 1.43 10.31 3.58
CA VAL D 188 0.18 10.87 4.07
C VAL D 188 -0.90 10.71 3.00
N ASP D 189 -1.95 9.98 3.36
CA ASP D 189 -3.07 9.72 2.45
C ASP D 189 -4.23 10.65 2.80
N VAL D 190 -4.53 11.60 1.92
CA VAL D 190 -5.62 12.53 2.18
C VAL D 190 -6.79 12.30 1.23
N LEU D 191 -7.94 11.95 1.81
CA LEU D 191 -9.16 11.74 1.05
C LEU D 191 -9.92 13.05 1.09
N ILE D 192 -10.35 13.53 -0.08
CA ILE D 192 -11.10 14.77 -0.16
C ILE D 192 -12.39 14.54 -0.90
N THR D 193 -13.50 14.95 -0.29
CA THR D 193 -14.82 14.79 -0.90
C THR D 193 -15.73 15.95 -0.48
N HIS D 194 -16.98 15.94 -0.95
CA HIS D 194 -17.89 17.02 -0.58
C HIS D 194 -19.30 16.48 -0.32
N PRO D 195 -19.89 16.85 0.83
CA PRO D 195 -21.23 16.44 1.25
C PRO D 195 -22.36 16.63 0.24
N ASP D 196 -22.32 17.71 -0.55
CA ASP D 196 -23.39 17.91 -1.51
C ASP D 196 -23.38 16.86 -2.63
N GLY D 197 -22.18 16.45 -3.03
CA GLY D 197 -22.08 15.42 -4.07
C GLY D 197 -21.73 15.88 -5.47
N ARG D 198 -21.30 17.13 -5.62
CA ARG D 198 -20.96 17.64 -6.94
C ARG D 198 -19.84 18.69 -6.92
N SER D 199 -19.72 19.40 -5.79
CA SER D 199 -18.72 20.45 -5.64
C SER D 199 -17.27 20.00 -5.52
N HIS D 200 -16.99 18.78 -5.96
CA HIS D 200 -15.64 18.23 -5.88
C HIS D 200 -15.00 18.07 -7.27
N ARG D 201 -15.78 18.29 -8.31
CA ARG D 201 -15.31 18.15 -9.68
C ARG D 201 -14.29 19.21 -10.14
N GLY D 202 -13.22 18.73 -10.78
CA GLY D 202 -12.18 19.60 -11.30
C GLY D 202 -11.50 20.55 -10.33
N ILE D 203 -11.26 20.09 -9.09
CA ILE D 203 -10.61 20.93 -8.09
C ILE D 203 -9.10 20.69 -7.95
N PHE D 204 -8.63 19.54 -8.42
CA PHE D 204 -7.21 19.25 -8.33
C PHE D 204 -6.38 20.43 -8.82
N SER D 205 -6.82 21.01 -9.94
CA SER D 205 -6.12 22.16 -10.51
C SER D 205 -5.92 23.27 -9.48
N ARG D 206 -7.01 23.69 -8.86
CA ARG D 206 -6.96 24.76 -7.86
C ARG D 206 -6.14 24.34 -6.64
N LEU D 207 -6.45 23.15 -6.10
CA LEU D 207 -5.76 22.65 -4.93
C LEU D 207 -4.25 22.54 -5.15
N LEU D 208 -3.85 21.81 -6.19
CA LEU D 208 -2.43 21.63 -6.49
C LEU D 208 -1.72 22.94 -6.74
N ASP D 209 -2.35 23.82 -7.50
CA ASP D 209 -1.73 25.11 -7.79
C ASP D 209 -1.59 25.92 -6.51
N SER D 210 -2.59 25.82 -5.63
CA SER D 210 -2.52 26.55 -4.38
C SER D 210 -1.32 26.02 -3.59
N LEU D 211 -1.23 24.71 -3.46
CA LEU D 211 -0.13 24.09 -2.73
C LEU D 211 1.23 24.39 -3.35
N ARG D 212 1.26 24.58 -4.67
CA ARG D 212 2.52 24.89 -5.35
C ARG D 212 2.93 26.33 -5.08
N GLN D 213 1.92 27.21 -4.96
CA GLN D 213 2.15 28.62 -4.68
C GLN D 213 3.04 28.82 -3.47
N GLU D 214 2.64 28.21 -2.36
CA GLU D 214 3.39 28.32 -1.12
C GLU D 214 4.63 27.43 -1.10
N GLY D 215 4.91 26.78 -2.23
CA GLY D 215 6.07 25.91 -2.31
C GLY D 215 6.02 24.65 -1.45
N PHE D 216 4.80 24.22 -1.10
CA PHE D 216 4.64 23.03 -0.28
C PHE D 216 4.97 21.76 -1.07
N LEU D 217 4.52 21.69 -2.31
CA LEU D 217 4.77 20.53 -3.17
C LEU D 217 6.13 20.71 -3.83
N THR D 218 6.96 19.67 -3.77
CA THR D 218 8.30 19.73 -4.34
C THR D 218 8.44 18.95 -5.64
N ASP D 219 7.75 17.82 -5.76
CA ASP D 219 7.81 17.01 -6.99
C ASP D 219 6.50 16.28 -7.21
N ASP D 220 6.18 16.03 -8.49
CA ASP D 220 4.97 15.32 -8.86
C ASP D 220 5.35 13.98 -9.49
N LEU D 221 4.74 12.90 -9.01
CA LEU D 221 5.02 11.57 -9.55
C LEU D 221 3.86 11.11 -10.45
N VAL D 222 2.63 11.27 -9.97
CA VAL D 222 1.45 10.89 -10.72
C VAL D 222 0.40 11.97 -10.57
N SER D 223 0.09 12.64 -11.67
CA SER D 223 -0.88 13.73 -11.64
C SER D 223 -1.36 14.07 -13.03
N GLN D 224 -2.44 13.44 -13.46
CA GLN D 224 -3.00 13.67 -14.79
C GLN D 224 -3.87 14.91 -14.69
N GLU D 225 -3.25 16.08 -14.81
CA GLU D 225 -3.98 17.33 -14.69
C GLU D 225 -4.65 17.85 -15.95
N GLU D 226 -4.28 17.33 -17.12
CA GLU D 226 -4.92 17.78 -18.35
C GLU D 226 -6.32 17.17 -18.43
N ASN D 227 -6.61 16.28 -17.48
CA ASN D 227 -7.90 15.61 -17.42
C ASN D 227 -8.73 16.06 -16.21
N GLY D 228 -9.94 16.54 -16.48
CA GLY D 228 -10.81 17.01 -15.42
C GLY D 228 -11.34 15.88 -14.56
N GLN D 229 -11.08 14.65 -14.97
CA GLN D 229 -11.55 13.47 -14.26
C GLN D 229 -10.48 12.87 -13.34
N GLN D 230 -9.42 13.64 -13.09
CA GLN D 230 -8.33 13.17 -12.23
C GLN D 230 -8.84 12.64 -10.89
N GLN D 231 -8.41 11.44 -10.52
CA GLN D 231 -8.84 10.86 -9.27
C GLN D 231 -7.77 10.93 -8.19
N LYS D 232 -6.50 10.89 -8.61
CA LYS D 232 -5.42 10.92 -7.63
C LYS D 232 -4.22 11.78 -7.96
N TYR D 233 -3.48 12.07 -6.90
CA TYR D 233 -2.25 12.84 -6.98
C TYR D 233 -1.22 12.13 -6.08
N LEU D 234 -0.08 11.79 -6.66
CA LEU D 234 0.98 11.16 -5.90
C LEU D 234 2.17 12.10 -6.07
N GLY D 235 2.65 12.64 -4.96
CA GLY D 235 3.76 13.55 -5.06
C GLY D 235 4.63 13.65 -3.83
N VAL D 236 5.42 14.72 -3.78
CA VAL D 236 6.35 14.97 -2.71
C VAL D 236 6.17 16.38 -2.18
N CYS D 237 6.18 16.52 -0.86
CA CYS D 237 6.02 17.81 -0.23
C CYS D 237 7.02 17.94 0.92
N ARG D 238 7.20 19.15 1.41
CA ARG D 238 8.09 19.37 2.55
C ARG D 238 7.61 20.58 3.34
N LEU D 239 7.45 20.39 4.64
CA LEU D 239 7.01 21.44 5.54
C LEU D 239 8.09 22.51 5.67
N PRO D 240 7.70 23.74 6.04
CA PRO D 240 8.64 24.86 6.21
C PRO D 240 9.54 24.68 7.43
N GLY D 241 10.63 25.42 7.47
CA GLY D 241 11.52 25.33 8.62
C GLY D 241 12.70 24.41 8.48
N PRO D 242 13.63 24.42 9.46
CA PRO D 242 14.81 23.58 9.46
C PRO D 242 14.49 22.16 9.94
N GLY D 243 15.35 21.21 9.58
CA GLY D 243 15.15 19.83 10.01
C GLY D 243 13.96 19.14 9.36
N ARG D 244 13.51 19.63 8.21
CA ARG D 244 12.39 19.01 7.52
C ARG D 244 12.80 18.11 6.37
N ARG D 245 12.18 16.94 6.27
CA ARG D 245 12.48 16.00 5.21
C ARG D 245 11.36 16.02 4.16
N HIS D 246 11.68 15.56 2.95
CA HIS D 246 10.68 15.47 1.90
C HIS D 246 9.81 14.27 2.23
N ARG D 247 8.49 14.43 2.15
CA ARG D 247 7.57 13.35 2.46
C ARG D 247 6.68 13.00 1.28
N ARG D 248 6.27 11.73 1.19
CA ARG D 248 5.39 11.28 0.12
C ARG D 248 3.96 11.69 0.47
N LEU D 249 3.26 12.25 -0.51
CA LEU D 249 1.89 12.69 -0.32
C LEU D 249 0.98 12.10 -1.39
N ASP D 250 -0.12 11.50 -0.96
CA ASP D 250 -1.06 10.89 -1.87
C ASP D 250 -2.45 11.47 -1.60
N ILE D 251 -3.04 12.10 -2.61
CA ILE D 251 -4.36 12.69 -2.46
C ILE D 251 -5.39 12.14 -3.45
N ILE D 252 -6.58 11.82 -2.95
CA ILE D 252 -7.64 11.35 -3.83
C ILE D 252 -8.89 12.19 -3.58
N VAL D 253 -9.57 12.53 -4.67
CA VAL D 253 -10.81 13.32 -4.61
C VAL D 253 -11.88 12.38 -5.14
N VAL D 254 -12.92 12.17 -4.34
CA VAL D 254 -13.99 11.27 -4.74
C VAL D 254 -15.38 11.85 -4.61
N PRO D 255 -16.34 11.33 -5.40
CA PRO D 255 -17.71 11.84 -5.30
C PRO D 255 -18.28 11.33 -3.98
N TYR D 256 -19.12 12.15 -3.34
CA TYR D 256 -19.67 11.78 -2.05
C TYR D 256 -20.35 10.41 -1.97
N SER D 257 -21.03 10.00 -3.03
CA SER D 257 -21.71 8.72 -3.04
C SER D 257 -20.77 7.54 -2.84
N GLU D 258 -19.48 7.74 -3.15
CA GLU D 258 -18.50 6.67 -3.01
C GLU D 258 -17.61 6.87 -1.78
N PHE D 259 -17.98 7.84 -0.95
CA PHE D 259 -17.19 8.18 0.23
C PHE D 259 -16.79 7.01 1.12
N ALA D 260 -17.75 6.18 1.50
CA ALA D 260 -17.47 5.04 2.38
C ALA D 260 -16.49 4.04 1.77
N CYS D 261 -16.74 3.61 0.54
CA CYS D 261 -15.85 2.66 -0.12
C CYS D 261 -14.45 3.23 -0.27
N ALA D 262 -14.39 4.53 -0.57
CA ALA D 262 -13.12 5.24 -0.74
C ALA D 262 -12.37 5.31 0.59
N LEU D 263 -13.10 5.64 1.65
CA LEU D 263 -12.52 5.75 2.99
C LEU D 263 -12.00 4.40 3.44
N LEU D 264 -12.81 3.36 3.21
CA LEU D 264 -12.42 2.00 3.58
C LEU D 264 -11.14 1.60 2.83
N TYR D 265 -11.11 1.87 1.53
CA TYR D 265 -9.95 1.55 0.70
C TYR D 265 -8.69 2.27 1.16
N PHE D 266 -8.75 3.59 1.23
CA PHE D 266 -7.62 4.42 1.60
C PHE D 266 -7.13 4.22 3.04
N THR D 267 -7.95 3.59 3.88
CA THR D 267 -7.58 3.34 5.27
C THR D 267 -6.83 2.01 5.37
N GLY D 268 -7.18 1.08 4.50
CA GLY D 268 -6.50 -0.21 4.49
C GLY D 268 -6.64 -1.00 5.79
N SER D 269 -5.62 -1.79 6.14
CA SER D 269 -4.39 -1.93 5.37
C SER D 269 -4.62 -2.54 4.00
N ALA D 270 -3.54 -2.62 3.22
CA ALA D 270 -3.62 -3.20 1.89
C ALA D 270 -4.06 -4.65 1.99
N HIS D 271 -3.38 -5.40 2.83
N HIS D 271 -3.41 -5.41 2.87
CA HIS D 271 -3.72 -6.80 2.99
CA HIS D 271 -3.75 -6.83 3.05
C HIS D 271 -5.16 -6.94 3.54
C HIS D 271 -5.18 -6.94 3.55
N PHE D 272 -5.58 -5.98 4.36
CA PHE D 272 -6.94 -6.02 4.88
C PHE D 272 -7.88 -5.86 3.69
N ASN D 273 -7.63 -4.85 2.86
CA ASN D 273 -8.46 -4.61 1.68
C ASN D 273 -8.58 -5.83 0.79
N ARG D 274 -7.44 -6.47 0.52
CA ARG D 274 -7.41 -7.66 -0.33
C ARG D 274 -8.24 -8.81 0.25
N SER D 275 -8.14 -9.01 1.56
CA SER D 275 -8.89 -10.06 2.24
C SER D 275 -10.38 -9.78 2.17
N MET D 276 -10.75 -8.52 2.38
CA MET D 276 -12.14 -8.13 2.34
C MET D 276 -12.72 -8.27 0.95
N ARG D 277 -11.91 -7.96 -0.07
CA ARG D 277 -12.39 -8.06 -1.44
C ARG D 277 -12.50 -9.53 -1.86
N ALA D 278 -11.61 -10.36 -1.35
CA ALA D 278 -11.64 -11.79 -1.65
C ALA D 278 -12.93 -12.41 -1.11
N LEU D 279 -13.32 -11.97 0.09
CA LEU D 279 -14.53 -12.45 0.74
C LEU D 279 -15.76 -12.01 -0.03
N ALA D 280 -15.76 -10.76 -0.47
CA ALA D 280 -16.90 -10.24 -1.22
C ALA D 280 -17.12 -11.05 -2.49
N LYS D 281 -16.02 -11.45 -3.14
CA LYS D 281 -16.13 -12.23 -4.36
C LYS D 281 -16.73 -13.60 -4.12
N THR D 282 -16.44 -14.21 -2.97
CA THR D 282 -16.99 -15.54 -2.67
C THR D 282 -18.51 -15.47 -2.48
N LYS D 283 -19.02 -14.27 -2.21
CA LYS D 283 -20.45 -14.07 -2.00
C LYS D 283 -21.14 -13.44 -3.21
N GLY D 284 -20.60 -13.70 -4.40
CA GLY D 284 -21.18 -13.16 -5.62
C GLY D 284 -21.22 -11.65 -5.68
N MET D 285 -20.39 -10.99 -4.87
CA MET D 285 -20.34 -9.54 -4.85
C MET D 285 -18.99 -9.03 -5.37
N SER D 286 -18.80 -7.72 -5.32
CA SER D 286 -17.54 -7.12 -5.75
C SER D 286 -17.33 -5.83 -4.98
N LEU D 287 -16.12 -5.67 -4.45
CA LEU D 287 -15.78 -4.49 -3.68
C LEU D 287 -14.56 -3.80 -4.27
N SER D 288 -14.63 -2.47 -4.36
CA SER D 288 -13.53 -1.67 -4.86
C SER D 288 -13.64 -0.33 -4.16
N GLU D 289 -12.71 0.56 -4.45
CA GLU D 289 -12.71 1.89 -3.85
C GLU D 289 -13.89 2.73 -4.34
N HIS D 290 -14.53 2.29 -5.43
CA HIS D 290 -15.67 3.02 -5.99
C HIS D 290 -17.01 2.55 -5.41
N ALA D 291 -17.15 1.24 -5.20
CA ALA D 291 -18.40 0.71 -4.69
C ALA D 291 -18.41 -0.78 -4.36
N LEU D 292 -19.49 -1.18 -3.69
CA LEU D 292 -19.71 -2.58 -3.34
C LEU D 292 -20.95 -2.95 -4.14
N SER D 293 -20.83 -3.98 -4.99
CA SER D 293 -21.94 -4.42 -5.83
C SER D 293 -22.31 -5.86 -5.50
N THR D 294 -23.54 -6.24 -5.86
CA THR D 294 -24.01 -7.59 -5.62
C THR D 294 -24.52 -8.17 -6.93
N ALA D 295 -24.60 -9.49 -7.01
CA ALA D 295 -25.10 -10.14 -8.21
C ALA D 295 -24.22 -9.87 -9.44
N VAL D 296 -22.90 -9.84 -9.21
CA VAL D 296 -21.96 -9.60 -10.28
C VAL D 296 -21.81 -10.83 -11.17
N VAL D 297 -21.57 -10.60 -12.46
CA VAL D 297 -21.40 -11.68 -13.41
C VAL D 297 -19.90 -11.93 -13.65
N ARG D 298 -19.45 -13.14 -13.35
CA ARG D 298 -18.05 -13.49 -13.52
C ARG D 298 -17.83 -14.68 -14.43
N ASN D 299 -16.73 -14.64 -15.19
CA ASN D 299 -16.39 -15.75 -16.09
C ASN D 299 -15.79 -16.90 -15.28
N THR D 300 -15.36 -17.95 -15.97
CA THR D 300 -14.80 -19.13 -15.31
C THR D 300 -13.47 -18.82 -14.62
N HIS D 301 -12.94 -17.63 -14.88
CA HIS D 301 -11.67 -17.23 -14.26
C HIS D 301 -11.89 -16.25 -13.12
N GLY D 302 -13.16 -15.98 -12.83
CA GLY D 302 -13.50 -15.08 -11.73
C GLY D 302 -13.36 -13.60 -12.01
N CYS D 303 -13.21 -13.23 -13.27
CA CYS D 303 -13.09 -11.83 -13.64
C CYS D 303 -14.46 -11.20 -13.80
N LYS D 304 -14.62 -9.99 -13.27
CA LYS D 304 -15.90 -9.29 -13.37
C LYS D 304 -16.20 -8.94 -14.83
N VAL D 305 -17.12 -9.67 -15.43
CA VAL D 305 -17.50 -9.44 -16.81
C VAL D 305 -18.78 -8.61 -16.85
N GLY D 306 -19.82 -9.11 -16.19
CA GLY D 306 -21.09 -8.39 -16.15
C GLY D 306 -21.26 -7.62 -14.86
N PRO D 307 -21.72 -6.36 -14.94
CA PRO D 307 -21.90 -5.57 -13.72
C PRO D 307 -23.12 -6.05 -12.94
N GLY D 308 -23.06 -5.97 -11.63
CA GLY D 308 -24.19 -6.38 -10.83
C GLY D 308 -24.91 -5.10 -10.47
N ARG D 309 -25.35 -5.00 -9.22
CA ARG D 309 -26.03 -3.80 -8.79
C ARG D 309 -25.20 -3.15 -7.68
N VAL D 310 -25.01 -1.83 -7.77
CA VAL D 310 -24.28 -1.11 -6.75
C VAL D 310 -25.19 -1.01 -5.53
N LEU D 311 -24.67 -1.37 -4.36
CA LEU D 311 -25.46 -1.30 -3.13
C LEU D 311 -25.26 0.04 -2.46
N PRO D 312 -26.28 0.52 -1.73
CA PRO D 312 -26.14 1.81 -1.05
C PRO D 312 -25.18 1.60 0.12
N THR D 313 -24.09 2.34 0.14
CA THR D 313 -23.13 2.20 1.25
C THR D 313 -22.69 3.54 1.79
N PRO D 314 -23.57 4.20 2.58
CA PRO D 314 -23.36 5.51 3.22
C PRO D 314 -22.22 5.56 4.24
N THR D 315 -21.92 4.42 4.86
CA THR D 315 -20.87 4.37 5.87
C THR D 315 -20.11 3.06 5.82
N GLU D 316 -18.90 3.05 6.37
CA GLU D 316 -18.10 1.85 6.40
C GLU D 316 -18.89 0.73 7.06
N LYS D 317 -19.65 1.10 8.10
CA LYS D 317 -20.48 0.13 8.82
C LYS D 317 -21.29 -0.69 7.83
N ASP D 318 -21.92 0.01 6.89
CA ASP D 318 -22.75 -0.64 5.87
C ASP D 318 -22.00 -1.70 5.06
N VAL D 319 -20.78 -1.40 4.63
CA VAL D 319 -20.02 -2.36 3.84
C VAL D 319 -19.80 -3.64 4.63
N PHE D 320 -19.36 -3.52 5.88
CA PHE D 320 -19.16 -4.69 6.74
C PHE D 320 -20.46 -5.46 6.88
N ARG D 321 -21.52 -4.73 7.23
CA ARG D 321 -22.84 -5.31 7.40
C ARG D 321 -23.27 -6.12 6.19
N LEU D 322 -23.26 -5.48 5.02
CA LEU D 322 -23.65 -6.12 3.77
C LEU D 322 -22.83 -7.36 3.44
N LEU D 323 -21.64 -7.45 4.03
CA LEU D 323 -20.79 -8.61 3.78
C LEU D 323 -20.95 -9.62 4.91
N GLY D 324 -21.88 -9.35 5.81
CA GLY D 324 -22.10 -10.24 6.94
C GLY D 324 -20.87 -10.27 7.80
N LEU D 325 -20.32 -9.09 8.08
CA LEU D 325 -19.12 -8.98 8.89
C LEU D 325 -19.26 -8.01 10.04
N PRO D 326 -18.62 -8.33 11.18
CA PRO D 326 -18.66 -7.48 12.36
C PRO D 326 -17.84 -6.25 12.01
N TYR D 327 -18.32 -5.07 12.38
CA TYR D 327 -17.58 -3.85 12.07
C TYR D 327 -16.24 -3.85 12.76
N ARG D 328 -15.28 -3.15 12.17
CA ARG D 328 -13.94 -3.08 12.74
C ARG D 328 -13.43 -1.66 12.69
N GLU D 329 -12.91 -1.20 13.81
CA GLU D 329 -12.35 0.14 13.90
C GLU D 329 -11.08 0.13 13.04
N PRO D 330 -10.68 1.29 12.52
CA PRO D 330 -9.48 1.38 11.69
C PRO D 330 -8.30 0.64 12.31
N ALA D 331 -8.07 0.87 13.61
CA ALA D 331 -6.97 0.22 14.32
C ALA D 331 -7.07 -1.30 14.28
N GLU D 332 -8.27 -1.80 13.99
CA GLU D 332 -8.50 -3.24 13.91
C GLU D 332 -8.29 -3.79 12.50
N ARG D 333 -7.97 -2.90 11.55
CA ARG D 333 -7.77 -3.32 10.16
C ARG D 333 -6.29 -3.28 9.78
N ASP D 334 -5.45 -3.14 10.80
CA ASP D 334 -4.01 -3.04 10.59
C ASP D 334 -3.36 -4.40 10.33
N TRP D 335 -3.78 -5.04 9.24
CA TRP D 335 -3.24 -6.34 8.86
C TRP D 335 -1.98 -6.23 8.02
#